data_3MJ5
#
_entry.id   3MJ5
#
_cell.length_a   118.397
_cell.length_b   74.129
_cell.length_c   96.895
_cell.angle_alpha   90.00
_cell.angle_beta   103.02
_cell.angle_gamma   90.00
#
_symmetry.space_group_name_H-M   'C 1 2 1'
#
loop_
_entity.id
_entity.type
_entity.pdbx_description
1 polymer 'Replicase polyprotein 1a'
2 non-polymer N-(1,3-benzodioxol-5-ylmethyl)-1-[(1R)-1-naphthalen-1-ylethyl]piperidine-4-carboxamide
3 non-polymer 'ZINC ION'
4 water water
#
_entity_poly.entity_id   1
_entity_poly.type   'polypeptide(L)'
_entity_poly.pdbx_seq_one_letter_code
;MEVKTIKVFTTVDNTNLHTQLVDMSMTYGQQFGPTYLDGADVTKIKPHVNHEGKTFFVLPSDDTLRSEAFEYYHTLDESF
LGRYMSALNHTKKWKFPQVGGLTSIKWADNNCYLSSVLLALQQLEVKFNAPALQEAYYRARAGDAANFCALILAYSNKTV
GELGDVRETMTHLLQHANLESAKRVLNVVCKHCGQKTTTLTGVEAVMYMGTLSYDNLKTGVSIPCVCGRDATQYLVQQES
SFVMMSAPPAEYKLQQGTFLCANEYTGNYQCGHYTHITAKETLYRIDGAHLTKMSEYKGPVTDVFYKETSYTTTIK
;
_entity_poly.pdbx_strand_id   A,B
#
loop_
_chem_comp.id
_chem_comp.type
_chem_comp.name
_chem_comp.formula
GRM non-polymer N-(1,3-benzodioxol-5-ylmethyl)-1-[(1R)-1-naphthalen-1-ylethyl]piperidine-4-carboxamide 'C26 H28 N2 O3'
ZN non-polymer 'ZINC ION' 'Zn 2'
#
# COMPACT_ATOMS: atom_id res chain seq x y z
N LYS A 4 8.06 -7.60 -45.53
CA LYS A 4 6.79 -8.39 -45.47
C LYS A 4 6.26 -8.46 -44.03
N THR A 5 4.95 -8.66 -43.91
CA THR A 5 4.30 -8.72 -42.61
C THR A 5 4.50 -10.06 -41.93
N ILE A 6 3.86 -10.22 -40.77
CA ILE A 6 3.82 -11.52 -40.09
C ILE A 6 2.65 -11.62 -39.10
N LYS A 7 2.43 -12.82 -38.56
CA LYS A 7 1.37 -13.07 -37.57
C LYS A 7 1.95 -13.42 -36.20
N VAL A 8 1.56 -12.66 -35.17
CA VAL A 8 1.90 -13.00 -33.78
C VAL A 8 0.65 -12.99 -32.89
N PHE A 9 0.86 -13.28 -31.62
CA PHE A 9 -0.23 -13.32 -30.63
C PHE A 9 -0.06 -12.28 -29.54
N THR A 10 -1.16 -11.69 -29.09
CA THR A 10 -1.05 -10.77 -27.99
C THR A 10 -1.92 -11.22 -26.82
N THR A 11 -1.50 -10.89 -25.60
CA THR A 11 -2.28 -11.29 -24.44
C THR A 11 -2.08 -10.33 -23.30
N VAL A 12 -2.91 -10.46 -22.28
CA VAL A 12 -2.70 -9.69 -21.07
C VAL A 12 -2.67 -10.62 -19.89
N ASP A 13 -3.20 -11.83 -20.05
CA ASP A 13 -3.29 -12.80 -18.98
C ASP A 13 -2.51 -14.04 -19.30
N ASN A 14 -2.10 -14.16 -20.56
CA ASN A 14 -1.28 -15.28 -20.94
C ASN A 14 -2.08 -16.55 -21.08
N THR A 15 -3.39 -16.43 -20.98
CA THR A 15 -4.25 -17.57 -21.14
C THR A 15 -5.01 -17.32 -22.45
N ASN A 16 -5.48 -16.09 -22.62
CA ASN A 16 -6.18 -15.69 -23.82
C ASN A 16 -5.31 -14.99 -24.83
N LEU A 17 -5.18 -15.57 -26.02
CA LEU A 17 -4.28 -15.09 -27.05
C LEU A 17 -5.10 -14.52 -28.19
N HIS A 18 -4.55 -13.51 -28.86
CA HIS A 18 -5.29 -12.80 -29.90
C HIS A 18 -4.43 -12.63 -31.12
N THR A 19 -4.81 -13.29 -32.21
CA THR A 19 -3.98 -13.31 -33.42
C THR A 19 -3.94 -11.91 -34.03
N GLN A 20 -2.74 -11.43 -34.31
CA GLN A 20 -2.60 -10.07 -34.80
C GLN A 20 -1.58 -10.02 -35.92
N LEU A 21 -1.97 -9.39 -37.03
CA LEU A 21 -1.07 -9.16 -38.15
C LEU A 21 -0.03 -8.10 -37.82
N VAL A 22 1.24 -8.46 -37.91
CA VAL A 22 2.32 -7.55 -37.50
C VAL A 22 3.04 -6.99 -38.71
N ASP A 23 2.76 -5.73 -39.03
CA ASP A 23 3.39 -5.06 -40.19
C ASP A 23 4.90 -4.97 -40.03
N MET A 24 5.64 -5.60 -40.92
CA MET A 24 7.07 -5.62 -40.79
C MET A 24 7.65 -4.20 -40.65
N SER A 25 6.97 -3.20 -41.24
CA SER A 25 7.43 -1.78 -41.21
C SER A 25 7.75 -1.20 -39.82
N MET A 26 6.76 -1.22 -38.91
CA MET A 26 6.81 -0.46 -37.66
C MET A 26 7.55 -1.08 -36.47
N THR A 27 7.51 -0.37 -35.35
CA THR A 27 7.91 -0.94 -34.07
C THR A 27 6.65 -1.33 -33.33
N TYR A 28 6.73 -2.40 -32.54
CA TYR A 28 5.53 -2.89 -31.85
C TYR A 28 4.73 -1.75 -31.27
N GLY A 29 5.42 -0.82 -30.61
CA GLY A 29 4.81 0.36 -29.99
C GLY A 29 3.90 1.14 -30.92
N GLN A 30 4.28 1.25 -32.19
CA GLN A 30 3.44 1.94 -33.15
C GLN A 30 2.23 1.09 -33.48
N GLN A 31 2.39 -0.21 -33.36
CA GLN A 31 1.34 -1.13 -33.76
C GLN A 31 0.42 -1.61 -32.62
N PHE A 32 0.98 -1.78 -31.42
CA PHE A 32 0.18 -2.25 -30.27
C PHE A 32 0.13 -1.25 -29.13
N GLY A 33 1.19 -0.46 -28.99
CA GLY A 33 1.40 0.31 -27.79
C GLY A 33 2.52 -0.38 -27.05
N PRO A 34 2.70 -0.04 -25.77
CA PRO A 34 3.69 -0.71 -24.94
C PRO A 34 3.57 -2.22 -25.12
N THR A 35 4.70 -2.90 -25.27
CA THR A 35 4.69 -4.31 -25.57
C THR A 35 5.87 -5.04 -24.94
N TYR A 36 5.70 -6.30 -24.61
CA TYR A 36 6.73 -6.99 -23.88
C TYR A 36 6.93 -8.43 -24.33
N LEU A 37 8.11 -8.97 -24.04
CA LEU A 37 8.39 -10.38 -24.27
C LEU A 37 9.14 -11.00 -23.09
N ASP A 38 8.45 -11.87 -22.37
CA ASP A 38 9.02 -12.56 -21.20
C ASP A 38 9.49 -11.59 -20.11
N GLY A 39 8.86 -10.41 -20.06
CA GLY A 39 9.21 -9.35 -19.13
C GLY A 39 9.96 -8.25 -19.84
N ALA A 40 10.62 -8.63 -20.94
CA ALA A 40 11.47 -7.71 -21.68
C ALA A 40 10.65 -6.62 -22.40
N ASP A 41 10.99 -5.36 -22.13
CA ASP A 41 10.37 -4.24 -22.84
C ASP A 41 10.86 -4.14 -24.30
N VAL A 42 9.92 -4.04 -25.22
CA VAL A 42 10.26 -4.03 -26.63
C VAL A 42 9.29 -3.13 -27.38
N THR A 43 8.71 -2.19 -26.65
CA THR A 43 7.75 -1.23 -27.20
C THR A 43 8.18 -0.65 -28.54
N LYS A 44 9.38 -0.09 -28.60
CA LYS A 44 9.86 0.41 -29.87
C LYS A 44 10.99 -0.46 -30.42
N ILE A 45 10.60 -1.43 -31.22
CA ILE A 45 11.52 -2.30 -31.94
C ILE A 45 10.84 -2.88 -33.16
N LYS A 46 11.64 -3.42 -34.07
CA LYS A 46 11.10 -4.02 -35.27
C LYS A 46 10.99 -5.52 -35.06
N PRO A 47 9.93 -6.13 -35.62
CA PRO A 47 9.60 -7.56 -35.57
C PRO A 47 10.65 -8.46 -36.23
N HIS A 48 11.39 -9.20 -35.42
CA HIS A 48 12.45 -10.05 -35.94
C HIS A 48 11.89 -11.12 -36.87
N VAL A 49 12.53 -11.24 -38.04
CA VAL A 49 12.07 -12.11 -39.11
C VAL A 49 11.65 -13.51 -38.66
N ASN A 50 12.08 -13.92 -37.48
CA ASN A 50 11.56 -15.15 -36.90
C ASN A 50 10.83 -14.86 -35.61
N HIS A 51 10.25 -13.67 -35.54
CA HIS A 51 9.50 -13.23 -34.37
C HIS A 51 8.14 -13.92 -34.25
N GLU A 52 7.53 -14.23 -35.38
CA GLU A 52 6.16 -14.73 -35.41
C GLU A 52 5.91 -15.92 -34.47
N GLY A 53 4.64 -16.30 -34.33
CA GLY A 53 4.24 -17.41 -33.48
C GLY A 53 4.59 -17.19 -32.01
N LYS A 54 5.12 -16.01 -31.70
CA LYS A 54 5.47 -15.64 -30.32
C LYS A 54 4.37 -14.82 -29.64
N THR A 55 4.28 -14.95 -28.32
CA THR A 55 3.24 -14.30 -27.54
C THR A 55 3.74 -13.04 -26.85
N PHE A 56 3.08 -11.93 -27.15
CA PHE A 56 3.47 -10.66 -26.58
C PHE A 56 2.46 -10.19 -25.56
N PHE A 57 2.94 -9.52 -24.53
CA PHE A 57 2.08 -8.79 -23.65
C PHE A 57 1.78 -7.43 -24.25
N VAL A 58 0.69 -6.82 -23.82
CA VAL A 58 0.37 -5.50 -24.28
C VAL A 58 -0.53 -4.84 -23.27
N LEU A 59 -0.60 -3.52 -23.35
CA LEU A 59 -1.54 -2.79 -22.54
C LEU A 59 -2.91 -2.95 -23.11
N PRO A 60 -3.90 -3.08 -22.21
CA PRO A 60 -5.30 -3.25 -22.61
C PRO A 60 -5.82 -2.05 -23.39
N SER A 61 -5.61 -2.06 -24.71
CA SER A 61 -5.98 -0.91 -25.54
C SER A 61 -7.41 -0.97 -26.09
N ASP A 62 -8.20 -1.93 -25.63
CA ASP A 62 -9.57 -2.02 -26.13
C ASP A 62 -10.43 -2.80 -25.15
N ASP A 63 -11.74 -2.72 -25.32
CA ASP A 63 -12.67 -3.42 -24.46
C ASP A 63 -12.25 -4.85 -24.02
N THR A 64 -12.04 -5.73 -24.98
CA THR A 64 -11.83 -7.15 -24.69
C THR A 64 -10.60 -7.36 -23.84
N LEU A 65 -9.54 -6.65 -24.20
CA LEU A 65 -8.34 -6.63 -23.38
C LEU A 65 -8.64 -6.09 -21.97
N ARG A 66 -9.14 -4.86 -21.87
CA ARG A 66 -9.46 -4.32 -20.56
C ARG A 66 -10.28 -5.32 -19.76
N SER A 67 -11.24 -5.93 -20.42
CA SER A 67 -12.06 -6.91 -19.73
C SER A 67 -11.27 -8.14 -19.30
N GLU A 68 -10.27 -8.52 -20.08
CA GLU A 68 -9.52 -9.72 -19.75
C GLU A 68 -8.63 -9.48 -18.55
N ALA A 69 -8.09 -8.27 -18.47
CA ALA A 69 -7.18 -7.89 -17.39
C ALA A 69 -7.94 -7.86 -16.08
N PHE A 70 -9.10 -7.23 -16.08
CA PHE A 70 -9.81 -7.08 -14.84
C PHE A 70 -10.14 -8.44 -14.26
N GLU A 71 -10.64 -9.32 -15.12
CA GLU A 71 -11.03 -10.68 -14.78
C GLU A 71 -9.86 -11.46 -14.18
N TYR A 72 -8.69 -11.26 -14.76
CA TYR A 72 -7.50 -11.95 -14.34
C TYR A 72 -6.82 -11.30 -13.10
N TYR A 73 -6.67 -9.98 -13.13
CA TYR A 73 -5.94 -9.29 -12.08
C TYR A 73 -6.82 -8.67 -11.01
N HIS A 74 -8.04 -8.34 -11.36
CA HIS A 74 -8.95 -7.77 -10.39
C HIS A 74 -8.54 -6.37 -10.06
N THR A 75 -8.01 -5.68 -11.07
CA THR A 75 -7.57 -4.32 -10.92
C THR A 75 -8.00 -3.49 -12.09
N LEU A 76 -8.24 -2.21 -11.85
CA LEU A 76 -8.63 -1.31 -12.94
C LEU A 76 -7.51 -0.29 -13.20
N ASP A 77 -6.40 -0.45 -12.49
CA ASP A 77 -5.28 0.45 -12.64
C ASP A 77 -4.61 0.24 -14.00
N GLU A 78 -4.60 1.30 -14.81
CA GLU A 78 -4.18 1.20 -16.21
C GLU A 78 -2.68 0.97 -16.31
N SER A 79 -1.98 1.14 -15.19
CA SER A 79 -0.52 1.07 -15.14
C SER A 79 -0.07 -0.29 -14.63
N PHE A 80 -1.00 -1.04 -14.07
CA PHE A 80 -0.65 -2.26 -13.37
C PHE A 80 0.17 -3.22 -14.24
N LEU A 81 -0.41 -3.55 -15.39
CA LEU A 81 0.19 -4.51 -16.26
C LEU A 81 1.60 -4.11 -16.64
N GLY A 82 1.81 -2.83 -16.95
CA GLY A 82 3.16 -2.32 -17.20
C GLY A 82 4.12 -2.35 -16.00
N ARG A 83 3.61 -2.16 -14.80
CA ARG A 83 4.49 -2.23 -13.62
C ARG A 83 4.83 -3.70 -13.32
N TYR A 84 3.84 -4.56 -13.48
CA TYR A 84 4.04 -5.96 -13.24
C TYR A 84 5.20 -6.41 -14.11
N MET A 85 5.15 -6.07 -15.40
CA MET A 85 6.17 -6.50 -16.35
C MET A 85 7.57 -6.00 -15.97
N SER A 86 7.66 -4.79 -15.46
CA SER A 86 8.97 -4.25 -15.08
C SER A 86 9.58 -5.08 -13.97
N ALA A 87 8.73 -5.44 -13.01
CA ALA A 87 9.14 -6.23 -11.86
C ALA A 87 9.55 -7.63 -12.29
N LEU A 88 8.68 -8.25 -13.10
CA LEU A 88 8.85 -9.64 -13.48
C LEU A 88 10.17 -9.75 -14.20
N ASN A 89 10.43 -8.70 -14.94
CA ASN A 89 11.67 -8.62 -15.69
C ASN A 89 12.87 -8.88 -14.81
N HIS A 90 12.80 -8.45 -13.54
CA HIS A 90 13.88 -8.65 -12.55
C HIS A 90 13.69 -9.83 -11.61
N THR A 91 12.46 -10.12 -11.20
CA THR A 91 12.27 -11.20 -10.24
C THR A 91 12.62 -12.56 -10.85
N LYS A 92 12.66 -12.63 -12.17
CA LYS A 92 12.93 -13.91 -12.82
C LYS A 92 14.43 -14.19 -12.74
N LYS A 93 15.17 -13.21 -12.23
CA LYS A 93 16.61 -13.33 -12.01
C LYS A 93 16.91 -13.77 -10.59
N TRP A 94 15.89 -13.84 -9.75
CA TRP A 94 16.07 -14.25 -8.36
C TRP A 94 16.10 -15.76 -8.17
N LYS A 95 16.69 -16.20 -7.07
CA LYS A 95 16.73 -17.60 -6.72
C LYS A 95 15.74 -17.90 -5.61
N PHE A 96 15.03 -19.02 -5.76
CA PHE A 96 14.03 -19.42 -4.79
C PHE A 96 14.32 -20.80 -4.22
N PRO A 97 15.27 -20.87 -3.30
CA PRO A 97 15.71 -22.13 -2.72
C PRO A 97 14.72 -22.61 -1.68
N GLN A 98 14.69 -23.92 -1.46
CA GLN A 98 13.95 -24.45 -0.32
C GLN A 98 14.77 -24.33 0.96
N VAL A 99 14.15 -23.75 1.99
CA VAL A 99 14.82 -23.54 3.27
C VAL A 99 13.78 -23.98 4.28
N GLY A 100 14.15 -24.86 5.20
CA GLY A 100 13.20 -25.38 6.16
C GLY A 100 11.90 -25.80 5.50
N GLY A 101 12.01 -26.39 4.31
CA GLY A 101 10.84 -26.95 3.65
C GLY A 101 9.82 -25.91 3.20
N LEU A 102 10.30 -24.71 2.88
CA LEU A 102 9.48 -23.64 2.29
C LEU A 102 10.27 -22.99 1.19
N THR A 103 9.57 -22.37 0.24
CA THR A 103 10.23 -21.54 -0.75
C THR A 103 10.62 -20.23 -0.08
N SER A 104 11.86 -19.81 -0.29
CA SER A 104 12.39 -18.59 0.31
C SER A 104 13.05 -17.80 -0.82
N ILE A 105 13.67 -16.66 -0.50
CA ILE A 105 14.37 -15.87 -1.54
C ILE A 105 15.81 -15.54 -1.16
N LYS A 106 16.74 -15.94 -2.02
CA LYS A 106 18.13 -15.56 -1.86
C LYS A 106 18.17 -14.04 -1.88
N TRP A 107 18.99 -13.42 -1.03
CA TRP A 107 18.92 -11.97 -0.90
C TRP A 107 19.26 -11.28 -2.20
N ALA A 108 18.51 -10.23 -2.51
CA ALA A 108 18.72 -9.44 -3.71
C ALA A 108 17.80 -8.23 -3.70
N ASP A 109 18.33 -7.08 -4.12
CA ASP A 109 17.50 -5.91 -4.38
C ASP A 109 16.57 -5.59 -3.24
N ASN A 110 17.07 -5.66 -2.02
CA ASN A 110 16.23 -5.36 -0.88
C ASN A 110 14.97 -6.19 -0.80
N ASN A 111 15.03 -7.46 -1.20
CA ASN A 111 13.80 -8.23 -1.29
C ASN A 111 13.51 -9.06 -0.03
N CYS A 112 14.24 -8.79 1.04
CA CYS A 112 14.08 -9.53 2.27
C CYS A 112 12.64 -9.46 2.76
N TYR A 113 11.99 -8.32 2.58
CA TYR A 113 10.63 -8.24 3.09
C TYR A 113 9.69 -9.18 2.33
N LEU A 114 9.88 -9.27 1.01
CA LEU A 114 9.07 -10.14 0.18
C LEU A 114 9.30 -11.59 0.56
N SER A 115 10.55 -11.92 0.88
CA SER A 115 10.86 -13.22 1.42
C SER A 115 9.93 -13.57 2.59
N SER A 116 9.83 -12.66 3.58
CA SER A 116 9.09 -12.94 4.79
C SER A 116 7.62 -13.09 4.51
N VAL A 117 7.11 -12.21 3.65
CA VAL A 117 5.71 -12.27 3.27
C VAL A 117 5.51 -13.66 2.71
N LEU A 118 6.41 -14.02 1.79
CA LEU A 118 6.30 -15.28 1.08
C LEU A 118 6.39 -16.48 1.99
N LEU A 119 7.22 -16.40 3.03
CA LEU A 119 7.39 -17.54 3.91
C LEU A 119 6.20 -17.61 4.84
N ALA A 120 5.66 -16.47 5.23
CA ALA A 120 4.51 -16.47 6.13
C ALA A 120 3.28 -16.99 5.42
N LEU A 121 3.08 -16.56 4.17
CA LEU A 121 1.90 -16.98 3.44
C LEU A 121 1.84 -18.49 3.35
N GLN A 122 2.99 -19.11 3.10
CA GLN A 122 2.99 -20.53 2.86
C GLN A 122 2.49 -21.33 4.06
N GLN A 123 2.43 -20.67 5.21
CA GLN A 123 2.05 -21.36 6.44
C GLN A 123 0.66 -20.99 6.88
N LEU A 124 -0.04 -20.18 6.11
CA LEU A 124 -1.38 -19.82 6.48
C LEU A 124 -2.39 -20.36 5.45
N GLU A 125 -3.52 -20.86 5.91
CA GLU A 125 -4.55 -21.31 4.98
C GLU A 125 -5.26 -20.07 4.52
N VAL A 126 -4.80 -19.49 3.44
CA VAL A 126 -5.45 -18.36 2.85
C VAL A 126 -5.47 -18.62 1.34
N LYS A 127 -6.48 -18.08 0.67
CA LYS A 127 -6.64 -18.27 -0.77
C LYS A 127 -6.83 -16.92 -1.43
N PHE A 128 -6.42 -16.80 -2.68
CA PHE A 128 -6.63 -15.54 -3.34
C PHE A 128 -7.80 -15.58 -4.31
N ASN A 129 -8.48 -14.46 -4.42
CA ASN A 129 -9.56 -14.35 -5.38
C ASN A 129 -9.09 -14.14 -6.78
N ALA A 130 -8.00 -13.40 -6.96
CA ALA A 130 -7.55 -13.04 -8.30
C ALA A 130 -6.84 -14.20 -8.98
N PRO A 131 -7.37 -14.66 -10.11
CA PRO A 131 -6.71 -15.79 -10.74
C PRO A 131 -5.20 -15.61 -10.87
N ALA A 132 -4.74 -14.40 -11.14
CA ALA A 132 -3.28 -14.16 -11.27
C ALA A 132 -2.56 -14.54 -9.97
N LEU A 133 -3.08 -14.09 -8.83
CA LEU A 133 -2.56 -14.46 -7.51
C LEU A 133 -2.68 -15.96 -7.24
N GLN A 134 -3.84 -16.53 -7.48
CA GLN A 134 -4.03 -17.95 -7.21
C GLN A 134 -2.95 -18.74 -7.92
N GLU A 135 -2.95 -18.67 -9.24
CA GLU A 135 -2.01 -19.42 -10.06
C GLU A 135 -0.55 -19.17 -9.72
N ALA A 136 -0.18 -17.91 -9.55
CA ALA A 136 1.19 -17.56 -9.26
C ALA A 136 1.57 -18.07 -7.88
N TYR A 137 0.60 -18.12 -6.99
CA TYR A 137 0.87 -18.61 -5.66
C TYR A 137 1.06 -20.12 -5.72
N TYR A 138 0.18 -20.78 -6.45
CA TYR A 138 0.30 -22.21 -6.60
C TYR A 138 1.70 -22.52 -7.08
N ARG A 139 2.18 -21.76 -8.07
CA ARG A 139 3.51 -21.98 -8.65
C ARG A 139 4.64 -21.62 -7.67
N ALA A 140 4.36 -20.69 -6.77
CA ALA A 140 5.38 -20.25 -5.80
C ALA A 140 5.57 -21.30 -4.72
N ARG A 141 4.47 -21.89 -4.26
CA ARG A 141 4.55 -22.94 -3.27
C ARG A 141 5.30 -24.11 -3.82
N ALA A 142 5.55 -24.08 -5.12
CA ALA A 142 6.19 -25.18 -5.82
C ALA A 142 7.59 -24.77 -6.26
N GLY A 143 8.06 -23.63 -5.74
CA GLY A 143 9.43 -23.22 -5.96
C GLY A 143 9.61 -22.27 -7.13
N ASP A 144 8.53 -21.98 -7.85
CA ASP A 144 8.67 -21.06 -8.99
C ASP A 144 7.97 -19.72 -8.75
N ALA A 145 8.66 -18.82 -8.06
CA ALA A 145 8.01 -17.68 -7.44
C ALA A 145 8.22 -16.34 -8.14
N ALA A 146 8.83 -16.35 -9.33
CA ALA A 146 9.09 -15.09 -10.02
C ALA A 146 7.81 -14.28 -10.24
N ASN A 147 6.78 -14.92 -10.76
CA ASN A 147 5.54 -14.20 -11.00
C ASN A 147 4.86 -13.72 -9.75
N PHE A 148 4.83 -14.56 -8.74
CA PHE A 148 4.17 -14.17 -7.54
C PHE A 148 4.78 -12.90 -6.94
N CYS A 149 6.10 -12.86 -6.86
CA CYS A 149 6.75 -11.64 -6.42
C CYS A 149 6.36 -10.46 -7.29
N ALA A 150 6.44 -10.61 -8.60
CA ALA A 150 6.27 -9.44 -9.41
C ALA A 150 4.90 -8.89 -9.13
N LEU A 151 3.97 -9.78 -8.80
CA LEU A 151 2.59 -9.35 -8.61
C LEU A 151 2.45 -8.66 -7.28
N ILE A 152 3.05 -9.25 -6.24
CA ILE A 152 2.99 -8.59 -4.96
C ILE A 152 3.54 -7.18 -5.09
N LEU A 153 4.66 -7.05 -5.80
CA LEU A 153 5.26 -5.77 -6.01
C LEU A 153 4.24 -4.87 -6.67
N ALA A 154 3.67 -5.33 -7.79
CA ALA A 154 2.69 -4.51 -8.52
C ALA A 154 1.43 -4.18 -7.73
N TYR A 155 0.90 -5.13 -6.96
CA TYR A 155 -0.27 -4.88 -6.11
C TYR A 155 0.01 -3.84 -5.02
N SER A 156 1.24 -3.79 -4.54
CA SER A 156 1.54 -2.92 -3.40
C SER A 156 2.27 -1.66 -3.85
N ASN A 157 2.27 -1.43 -5.16
CA ASN A 157 2.89 -0.27 -5.75
C ASN A 157 4.30 -0.02 -5.28
N LYS A 158 5.13 -1.05 -5.36
CA LYS A 158 6.55 -0.98 -5.02
C LYS A 158 7.35 -1.41 -6.24
N THR A 159 8.61 -1.01 -6.32
CA THR A 159 9.44 -1.47 -7.41
C THR A 159 10.66 -2.22 -6.90
N VAL A 160 11.25 -3.03 -7.75
CA VAL A 160 12.38 -3.82 -7.33
C VAL A 160 13.54 -2.92 -6.92
N GLY A 161 14.06 -3.16 -5.72
CA GLY A 161 15.20 -2.41 -5.21
C GLY A 161 14.82 -1.70 -3.95
N GLU A 162 13.59 -1.22 -3.88
CA GLU A 162 13.15 -0.48 -2.71
C GLU A 162 12.98 -1.41 -1.53
N LEU A 163 13.26 -0.90 -0.33
CA LEU A 163 12.95 -1.63 0.89
C LEU A 163 11.46 -1.48 1.20
N GLY A 164 10.85 -2.53 1.73
CA GLY A 164 9.41 -2.53 1.91
C GLY A 164 9.02 -3.02 3.27
N ASP A 165 7.81 -2.69 3.69
CA ASP A 165 7.30 -3.06 4.99
C ASP A 165 6.42 -4.29 4.84
N VAL A 166 6.72 -5.35 5.59
CA VAL A 166 5.94 -6.59 5.53
C VAL A 166 4.46 -6.38 5.84
N ARG A 167 4.18 -5.64 6.91
CA ARG A 167 2.81 -5.35 7.28
C ARG A 167 2.03 -4.63 6.17
N GLU A 168 2.52 -3.48 5.72
CA GLU A 168 1.91 -2.74 4.65
C GLU A 168 1.64 -3.65 3.46
N THR A 169 2.66 -4.41 3.08
CA THR A 169 2.49 -5.39 2.01
C THR A 169 1.38 -6.42 2.31
N MET A 170 1.20 -6.81 3.56
CA MET A 170 0.20 -7.80 3.86
C MET A 170 -1.14 -7.14 3.64
N THR A 171 -1.16 -5.85 3.89
CA THR A 171 -2.38 -5.11 3.80
C THR A 171 -2.91 -5.11 2.37
N HIS A 172 -2.04 -4.89 1.38
CA HIS A 172 -2.48 -4.86 0.00
C HIS A 172 -2.85 -6.26 -0.44
N LEU A 173 -2.02 -7.24 -0.12
CA LEU A 173 -2.29 -8.61 -0.51
C LEU A 173 -3.60 -9.16 0.05
N LEU A 174 -3.78 -9.01 1.37
CA LEU A 174 -4.94 -9.59 2.03
C LEU A 174 -6.21 -8.94 1.48
N GLN A 175 -6.05 -7.82 0.80
CA GLN A 175 -7.16 -7.22 0.06
C GLN A 175 -7.63 -8.18 -1.03
N HIS A 176 -6.74 -9.02 -1.55
CA HIS A 176 -7.16 -9.95 -2.58
C HIS A 176 -7.21 -11.38 -2.05
N ALA A 177 -7.49 -11.53 -0.77
CA ALA A 177 -7.57 -12.86 -0.22
C ALA A 177 -9.02 -13.13 0.14
N ASN A 178 -9.43 -14.39 0.12
CA ASN A 178 -10.80 -14.69 0.49
C ASN A 178 -10.97 -14.54 1.98
N LEU A 179 -11.40 -13.35 2.43
CA LEU A 179 -11.69 -13.12 3.84
C LEU A 179 -13.19 -12.94 4.06
N GLU A 180 -13.96 -13.34 3.06
CA GLU A 180 -15.42 -13.21 3.06
C GLU A 180 -16.07 -13.66 4.36
N SER A 181 -15.51 -14.67 5.04
CA SER A 181 -16.16 -15.17 6.26
C SER A 181 -15.45 -14.68 7.52
N ALA A 182 -14.39 -13.92 7.34
CA ALA A 182 -13.55 -13.54 8.45
C ALA A 182 -14.22 -12.46 9.26
N LYS A 183 -14.43 -12.73 10.54
CA LYS A 183 -15.13 -11.80 11.38
C LYS A 183 -14.35 -11.52 12.67
N ARG A 184 -14.42 -10.30 13.16
CA ARG A 184 -13.82 -9.98 14.45
C ARG A 184 -14.64 -9.02 15.27
N VAL A 185 -14.79 -9.32 16.54
CA VAL A 185 -15.53 -8.45 17.42
C VAL A 185 -14.60 -8.04 18.55
N LEU A 186 -14.62 -6.73 18.83
CA LEU A 186 -13.73 -6.17 19.80
C LEU A 186 -14.60 -5.36 20.73
N ASN A 187 -14.22 -5.37 21.98
CA ASN A 187 -14.93 -4.60 22.98
C ASN A 187 -13.94 -3.64 23.63
N VAL A 188 -14.31 -2.37 23.71
CA VAL A 188 -13.45 -1.38 24.34
C VAL A 188 -14.15 -0.89 25.58
N VAL A 189 -13.47 -1.00 26.70
CA VAL A 189 -14.02 -0.52 27.96
C VAL A 189 -13.17 0.57 28.53
N CYS A 190 -13.75 1.74 28.70
CA CYS A 190 -13.11 2.79 29.49
C CYS A 190 -13.84 2.92 30.82
N LYS A 191 -13.10 2.78 31.91
CA LYS A 191 -13.66 2.84 33.26
C LYS A 191 -14.50 4.10 33.52
N HIS A 192 -14.22 5.15 32.76
CA HIS A 192 -15.00 6.36 32.81
C HIS A 192 -16.01 6.40 31.64
N CYS A 193 -15.53 6.46 30.40
CA CYS A 193 -16.43 6.57 29.23
C CYS A 193 -17.50 5.47 29.01
N GLY A 194 -17.34 4.29 29.61
CA GLY A 194 -18.24 3.19 29.30
C GLY A 194 -17.71 2.23 28.24
N GLN A 195 -18.61 1.55 27.55
CA GLN A 195 -18.24 0.48 26.62
C GLN A 195 -18.68 0.74 25.20
N LYS A 196 -17.93 0.19 24.26
CA LYS A 196 -18.36 0.15 22.88
C LYS A 196 -17.87 -1.14 22.27
N THR A 197 -18.52 -1.58 21.22
CA THR A 197 -18.22 -2.86 20.64
C THR A 197 -18.12 -2.61 19.17
N THR A 198 -17.22 -3.32 18.49
CA THR A 198 -16.95 -3.03 17.10
C THR A 198 -16.86 -4.36 16.39
N THR A 199 -17.39 -4.42 15.17
CA THR A 199 -17.25 -5.62 14.38
C THR A 199 -16.38 -5.24 13.21
N LEU A 200 -15.38 -6.06 12.95
CA LEU A 200 -14.38 -5.75 11.95
C LEU A 200 -14.38 -6.86 10.92
N THR A 201 -14.37 -6.50 9.65
CA THR A 201 -14.46 -7.49 8.60
C THR A 201 -13.39 -7.15 7.56
N GLY A 202 -13.11 -8.08 6.65
CA GLY A 202 -12.09 -7.86 5.68
C GLY A 202 -10.77 -7.87 6.41
N VAL A 203 -9.77 -7.27 5.77
CA VAL A 203 -8.41 -7.24 6.25
C VAL A 203 -8.35 -7.00 7.74
N GLU A 204 -9.14 -6.09 8.24
CA GLU A 204 -9.02 -5.70 9.64
C GLU A 204 -9.48 -6.80 10.59
N ALA A 205 -10.20 -7.79 10.09
CA ALA A 205 -10.60 -8.89 10.99
C ALA A 205 -9.39 -9.74 11.29
N VAL A 206 -8.36 -9.62 10.48
CA VAL A 206 -7.23 -10.52 10.68
C VAL A 206 -5.96 -9.85 11.14
N MET A 207 -5.91 -8.54 11.00
CA MET A 207 -4.69 -7.77 11.21
C MET A 207 -4.86 -6.78 12.32
N TYR A 208 -3.88 -6.70 13.21
CA TYR A 208 -4.03 -5.84 14.36
C TYR A 208 -2.69 -5.18 14.63
N MET A 209 -2.73 -3.86 14.83
CA MET A 209 -1.53 -3.07 15.06
C MET A 209 -1.60 -2.57 16.49
N GLY A 210 -0.67 -2.96 17.36
CA GLY A 210 -0.76 -2.54 18.77
C GLY A 210 -0.08 -3.44 19.79
N THR A 211 -0.06 -4.73 19.52
CA THR A 211 0.66 -5.67 20.36
C THR A 211 0.98 -6.87 19.48
N LEU A 212 2.05 -7.58 19.82
CA LEU A 212 2.48 -8.73 19.06
C LEU A 212 1.90 -9.99 19.64
N SER A 213 1.29 -9.87 20.82
CA SER A 213 0.81 -11.03 21.54
C SER A 213 -0.70 -11.30 21.38
N TYR A 214 -1.05 -12.51 21.03
CA TYR A 214 -2.46 -12.83 20.78
C TYR A 214 -3.15 -13.01 22.10
N ASP A 215 -2.43 -13.54 23.07
CA ASP A 215 -2.97 -13.62 24.43
C ASP A 215 -3.35 -12.26 24.93
N ASN A 216 -2.52 -11.27 24.68
CA ASN A 216 -2.76 -9.92 25.17
C ASN A 216 -4.03 -9.28 24.64
N LEU A 217 -4.42 -9.68 23.44
CA LEU A 217 -5.61 -9.09 22.86
C LEU A 217 -6.82 -9.76 23.49
N LYS A 218 -6.63 -11.01 23.93
CA LYS A 218 -7.70 -11.74 24.61
C LYS A 218 -7.87 -11.27 26.03
N THR A 219 -6.78 -10.88 26.67
CA THR A 219 -6.85 -10.45 28.05
C THR A 219 -7.05 -8.93 28.20
N GLY A 220 -6.73 -8.16 27.16
CA GLY A 220 -7.00 -6.73 27.15
C GLY A 220 -5.74 -5.96 26.83
N VAL A 221 -5.80 -4.99 25.93
CA VAL A 221 -4.64 -4.14 25.65
C VAL A 221 -5.04 -2.73 25.94
N SER A 222 -4.10 -1.93 26.43
CA SER A 222 -4.47 -0.59 26.81
C SER A 222 -4.35 0.34 25.64
N ILE A 223 -5.27 1.29 25.57
CA ILE A 223 -5.23 2.23 24.48
C ILE A 223 -5.77 3.55 24.98
N PRO A 224 -5.37 4.63 24.30
CA PRO A 224 -5.82 5.97 24.66
C PRO A 224 -7.33 6.15 24.50
N CYS A 225 -7.96 6.68 25.53
CA CYS A 225 -9.36 6.98 25.45
C CYS A 225 -9.51 8.49 25.27
N VAL A 226 -10.32 8.86 24.31
CA VAL A 226 -10.67 10.25 24.15
C VAL A 226 -10.92 10.91 25.51
N CYS A 227 -11.15 10.11 26.56
CA CYS A 227 -11.47 10.68 27.87
C CYS A 227 -10.25 11.17 28.63
N GLY A 228 -9.07 11.04 28.03
CA GLY A 228 -7.85 11.47 28.72
C GLY A 228 -7.29 10.35 29.57
N ARG A 229 -7.96 9.21 29.50
CA ARG A 229 -7.57 8.02 30.23
C ARG A 229 -7.06 6.98 29.29
N ASP A 230 -6.90 5.79 29.87
CA ASP A 230 -6.40 4.63 29.19
C ASP A 230 -7.53 3.60 29.17
N ALA A 231 -7.90 3.17 27.97
CA ALA A 231 -8.99 2.20 27.83
C ALA A 231 -8.48 0.77 27.73
N THR A 232 -9.41 -0.19 27.78
CA THR A 232 -9.04 -1.58 27.57
C THR A 232 -9.75 -2.14 26.34
N GLN A 233 -8.97 -2.77 25.47
CA GLN A 233 -9.52 -3.37 24.26
C GLN A 233 -9.27 -4.86 24.30
N TYR A 234 -10.32 -5.66 24.19
CA TYR A 234 -10.11 -7.11 24.21
C TYR A 234 -10.97 -7.77 23.14
N LEU A 235 -10.64 -9.02 22.79
CA LEU A 235 -11.34 -9.71 21.72
C LEU A 235 -12.48 -10.55 22.27
N VAL A 236 -13.69 -10.31 21.81
CA VAL A 236 -14.78 -11.12 22.30
C VAL A 236 -15.00 -12.26 21.35
N GLN A 237 -14.67 -12.06 20.09
CA GLN A 237 -14.93 -13.10 19.10
C GLN A 237 -13.99 -13.06 17.89
N GLN A 238 -13.50 -14.23 17.51
CA GLN A 238 -12.63 -14.34 16.37
C GLN A 238 -13.05 -15.48 15.43
N GLU A 239 -13.27 -15.16 14.15
CA GLU A 239 -13.60 -16.13 13.10
C GLU A 239 -12.61 -15.96 11.94
N SER A 240 -11.59 -16.79 11.89
CA SER A 240 -10.66 -16.72 10.78
C SER A 240 -9.71 -17.91 10.95
N SER A 241 -8.96 -18.25 9.90
CA SER A 241 -8.00 -19.35 10.02
C SER A 241 -6.61 -18.91 10.52
N PHE A 242 -6.42 -17.59 10.68
CA PHE A 242 -5.18 -17.07 11.23
C PHE A 242 -5.37 -15.63 11.68
N VAL A 243 -4.39 -15.14 12.43
CA VAL A 243 -4.31 -13.72 12.74
C VAL A 243 -2.86 -13.28 12.68
N MET A 244 -2.68 -12.01 12.30
CA MET A 244 -1.37 -11.39 12.27
C MET A 244 -1.36 -10.21 13.23
N MET A 245 -0.34 -10.14 14.10
CA MET A 245 -0.27 -9.12 15.14
C MET A 245 1.02 -8.31 14.90
N SER A 246 0.91 -6.99 14.95
CA SER A 246 2.02 -6.18 14.62
C SER A 246 2.25 -5.10 15.67
N ALA A 247 3.51 -4.70 15.79
CA ALA A 247 3.94 -3.63 16.67
C ALA A 247 5.23 -3.07 16.09
N PRO A 248 5.61 -1.86 16.49
CA PRO A 248 6.94 -1.51 16.03
C PRO A 248 7.99 -2.40 16.69
N PRO A 249 9.15 -2.52 16.08
CA PRO A 249 10.23 -3.31 16.63
C PRO A 249 10.54 -2.95 18.10
N ALA A 250 10.41 -3.96 18.95
CA ALA A 250 10.81 -3.87 20.33
C ALA A 250 11.26 -5.29 20.72
N GLU A 251 11.82 -5.40 21.91
CA GLU A 251 12.46 -6.63 22.29
C GLU A 251 11.30 -7.47 22.74
N TYR A 252 11.16 -8.64 22.13
CA TYR A 252 10.02 -9.48 22.41
C TYR A 252 10.45 -10.97 22.40
N LYS A 253 9.96 -11.77 23.33
CA LYS A 253 10.45 -13.14 23.37
C LYS A 253 9.59 -14.19 22.68
N LEU A 254 10.18 -14.93 21.75
CA LEU A 254 9.46 -15.98 21.04
C LEU A 254 9.74 -17.37 21.61
N GLN A 255 8.71 -17.98 22.20
CA GLN A 255 8.86 -19.31 22.74
C GLN A 255 8.19 -20.33 21.85
N GLN A 256 8.67 -21.56 21.91
CA GLN A 256 8.06 -22.63 21.15
C GLN A 256 6.71 -23.01 21.71
N GLY A 257 5.84 -23.47 20.81
CA GLY A 257 4.49 -23.87 21.18
C GLY A 257 3.51 -22.71 21.32
N THR A 258 3.91 -21.51 20.91
CA THR A 258 3.08 -20.35 21.23
C THR A 258 2.57 -19.57 20.04
N PHE A 259 3.22 -19.73 18.89
CA PHE A 259 2.83 -18.98 17.72
C PHE A 259 3.05 -19.84 16.51
N LEU A 260 2.61 -19.36 15.36
CA LEU A 260 2.82 -20.00 14.09
C LEU A 260 4.16 -19.54 13.51
N CYS A 261 4.28 -18.25 13.21
CA CYS A 261 5.52 -17.73 12.66
C CYS A 261 5.60 -16.24 12.84
N ALA A 262 6.74 -15.69 12.48
CA ALA A 262 7.02 -14.34 12.82
C ALA A 262 8.13 -13.79 11.97
N ASN A 263 8.23 -12.46 11.92
CA ASN A 263 9.46 -11.89 11.45
C ASN A 263 9.99 -10.76 12.34
N GLU A 264 11.30 -10.54 12.26
CA GLU A 264 11.91 -9.50 13.03
C GLU A 264 12.62 -8.52 12.10
N TYR A 265 12.73 -7.28 12.53
CA TYR A 265 13.40 -6.27 11.73
C TYR A 265 14.54 -5.65 12.53
N THR A 266 15.76 -5.78 12.03
CA THR A 266 16.91 -5.18 12.67
C THR A 266 17.45 -4.00 11.85
N GLY A 267 17.57 -2.84 12.45
CA GLY A 267 18.06 -1.69 11.71
C GLY A 267 17.19 -0.57 12.15
N ASN A 268 17.10 0.48 11.34
CA ASN A 268 16.17 1.56 11.64
C ASN A 268 15.14 1.66 10.53
N TYR A 269 14.26 2.66 10.65
CA TYR A 269 13.16 2.79 9.70
C TYR A 269 13.63 2.92 8.28
N GLN A 270 14.75 3.60 8.12
CA GLN A 270 15.20 3.99 6.79
C GLN A 270 15.83 2.79 6.15
N CYS A 271 16.55 2.03 6.97
CA CYS A 271 17.46 1.01 6.46
C CYS A 271 17.59 -0.18 7.42
N GLY A 272 17.11 -1.35 7.01
CA GLY A 272 17.13 -2.52 7.90
C GLY A 272 16.93 -3.86 7.21
N HIS A 273 16.84 -4.89 8.02
CA HIS A 273 16.74 -6.23 7.50
C HIS A 273 15.70 -7.06 8.26
N TYR A 274 14.87 -7.76 7.50
CA TYR A 274 13.87 -8.67 8.03
C TYR A 274 14.45 -10.07 8.07
N THR A 275 14.06 -10.85 9.06
CA THR A 275 14.24 -12.30 9.01
C THR A 275 12.96 -12.99 9.48
N HIS A 276 12.75 -14.21 9.02
CA HIS A 276 11.53 -14.93 9.34
C HIS A 276 11.88 -15.93 10.43
N ILE A 277 10.99 -16.11 11.39
CA ILE A 277 11.12 -17.20 12.33
C ILE A 277 9.90 -18.11 12.22
N THR A 278 10.14 -19.40 12.05
CA THR A 278 9.03 -20.34 12.06
C THR A 278 9.19 -21.38 13.15
N ALA A 279 8.09 -21.72 13.79
CA ALA A 279 8.10 -22.65 14.90
C ALA A 279 7.88 -24.04 14.39
N LYS A 280 8.92 -24.87 14.32
CA LYS A 280 8.78 -26.24 13.80
C LYS A 280 9.01 -27.21 14.96
N GLU A 281 9.75 -28.29 14.70
CA GLU A 281 10.25 -29.09 15.81
C GLU A 281 11.01 -28.15 16.78
N THR A 282 11.84 -27.29 16.20
CA THR A 282 12.44 -26.19 16.94
C THR A 282 12.29 -24.92 16.11
N LEU A 283 12.79 -23.79 16.61
CA LEU A 283 12.62 -22.54 15.90
C LEU A 283 13.56 -22.48 14.73
N TYR A 284 13.06 -22.16 13.55
CA TYR A 284 13.93 -21.90 12.43
C TYR A 284 13.97 -20.41 12.17
N ARG A 285 15.14 -19.87 12.01
CA ARG A 285 15.23 -18.50 11.61
C ARG A 285 15.69 -18.48 10.16
N ILE A 286 14.80 -18.07 9.26
CA ILE A 286 15.12 -18.14 7.84
C ILE A 286 15.45 -16.78 7.30
N ASP A 287 16.67 -16.65 6.82
CA ASP A 287 17.20 -15.38 6.41
C ASP A 287 17.61 -15.55 4.95
N GLY A 288 16.64 -15.39 4.05
CA GLY A 288 16.83 -15.72 2.64
C GLY A 288 17.25 -17.17 2.42
N ALA A 289 18.48 -17.32 1.96
CA ALA A 289 19.04 -18.63 1.68
C ALA A 289 19.48 -19.33 2.95
N HIS A 290 19.70 -18.55 4.00
CA HIS A 290 20.37 -19.06 5.18
C HIS A 290 19.38 -19.53 6.22
N LEU A 291 19.80 -20.50 7.02
CA LEU A 291 18.92 -21.11 8.01
C LEU A 291 19.69 -21.30 9.30
N THR A 292 19.02 -21.10 10.43
CA THR A 292 19.64 -21.35 11.72
C THR A 292 18.51 -21.72 12.67
N LYS A 293 18.83 -22.56 13.66
CA LYS A 293 17.84 -23.09 14.60
C LYS A 293 18.18 -22.67 16.02
N MET A 294 17.16 -22.64 16.85
CA MET A 294 17.29 -22.23 18.24
C MET A 294 16.02 -22.62 18.95
N SER A 295 16.10 -22.70 20.28
CA SER A 295 14.96 -23.12 21.08
C SER A 295 14.18 -21.92 21.55
N GLU A 296 14.79 -20.76 21.45
CA GLU A 296 14.13 -19.54 21.88
C GLU A 296 14.82 -18.33 21.26
N TYR A 297 14.06 -17.27 21.01
CA TYR A 297 14.59 -16.08 20.39
C TYR A 297 14.01 -14.84 21.06
N LYS A 298 14.87 -13.90 21.43
CA LYS A 298 14.44 -12.64 21.99
C LYS A 298 15.11 -11.51 21.23
N GLY A 299 14.30 -10.78 20.49
CA GLY A 299 14.80 -9.78 19.57
C GLY A 299 13.65 -8.89 19.13
N PRO A 300 13.89 -8.10 18.08
CA PRO A 300 13.02 -7.07 17.61
C PRO A 300 12.00 -7.64 16.65
N VAL A 301 11.07 -8.40 17.19
CA VAL A 301 10.02 -8.97 16.41
C VAL A 301 9.03 -7.88 16.00
N THR A 302 8.44 -8.03 14.83
CA THR A 302 7.61 -6.94 14.37
C THR A 302 6.18 -7.43 14.06
N ASP A 303 6.11 -8.67 13.56
CA ASP A 303 4.90 -9.31 13.08
C ASP A 303 4.86 -10.77 13.55
N VAL A 304 3.79 -11.16 14.23
CA VAL A 304 3.67 -12.55 14.63
C VAL A 304 2.34 -13.10 14.14
N PHE A 305 2.38 -14.32 13.63
CA PHE A 305 1.19 -14.99 13.12
C PHE A 305 0.76 -16.13 14.02
N TYR A 306 -0.54 -16.29 14.18
CA TYR A 306 -1.09 -17.41 14.93
C TYR A 306 -2.22 -18.09 14.16
N LYS A 307 -2.39 -19.37 14.44
CA LYS A 307 -3.40 -20.16 13.80
C LYS A 307 -4.69 -19.94 14.56
N GLU A 308 -5.82 -20.09 13.86
CA GLU A 308 -7.13 -19.83 14.46
C GLU A 308 -8.24 -20.58 13.74
N THR A 309 -9.33 -20.77 14.45
CA THR A 309 -10.49 -21.39 13.86
C THR A 309 -11.67 -20.51 14.23
N SER A 310 -11.99 -20.53 15.51
CA SER A 310 -13.15 -19.85 16.05
C SER A 310 -12.81 -19.58 17.50
N TYR A 311 -13.01 -18.35 17.95
CA TYR A 311 -12.67 -18.02 19.34
C TYR A 311 -13.78 -17.22 19.92
N THR A 312 -14.17 -17.54 21.13
CA THR A 312 -15.14 -16.71 21.77
C THR A 312 -14.73 -16.54 23.22
N THR A 313 -14.91 -15.33 23.74
CA THR A 313 -14.37 -15.01 25.05
C THR A 313 -15.24 -15.50 26.20
N THR A 314 -14.56 -15.85 27.27
CA THR A 314 -15.16 -15.88 28.59
C THR A 314 -15.07 -14.44 29.06
N ILE A 315 -16.08 -13.95 29.79
CA ILE A 315 -16.06 -12.54 30.17
C ILE A 315 -17.33 -11.82 29.68
N THR B 55 -34.54 4.64 -0.56
CA THR B 55 -33.61 5.54 0.18
C THR B 55 -32.78 4.73 1.17
N PHE B 56 -32.80 3.41 0.97
CA PHE B 56 -32.11 2.47 1.86
C PHE B 56 -31.01 1.74 1.11
N PHE B 57 -29.75 2.04 1.42
CA PHE B 57 -28.67 1.22 0.89
C PHE B 57 -28.95 -0.21 1.34
N VAL B 58 -28.55 -1.17 0.52
CA VAL B 58 -28.67 -2.58 0.85
C VAL B 58 -27.47 -3.31 0.25
N LEU B 59 -27.19 -4.52 0.72
CA LEU B 59 -26.15 -5.34 0.09
C LEU B 59 -26.63 -5.76 -1.31
N PRO B 60 -25.71 -6.19 -2.17
CA PRO B 60 -26.09 -6.47 -3.55
C PRO B 60 -26.20 -7.96 -3.91
N SER B 61 -27.40 -8.52 -3.78
CA SER B 61 -27.66 -9.94 -4.08
C SER B 61 -27.82 -10.22 -5.58
N ASP B 62 -28.90 -9.72 -6.16
CA ASP B 62 -29.17 -9.93 -7.59
C ASP B 62 -28.11 -9.23 -8.44
N ASP B 63 -27.97 -9.68 -9.67
CA ASP B 63 -26.88 -9.22 -10.51
C ASP B 63 -26.91 -7.73 -10.73
N THR B 64 -28.07 -7.21 -11.08
CA THR B 64 -28.23 -5.77 -11.23
C THR B 64 -27.46 -5.00 -10.14
N LEU B 65 -27.94 -5.12 -8.91
CA LEU B 65 -27.36 -4.39 -7.80
C LEU B 65 -25.85 -4.59 -7.71
N ARG B 66 -25.44 -5.85 -7.81
CA ARG B 66 -24.03 -6.20 -7.69
C ARG B 66 -23.19 -5.48 -8.74
N SER B 67 -23.73 -5.41 -9.94
CA SER B 67 -23.07 -4.67 -11.01
C SER B 67 -23.12 -3.16 -10.80
N GLU B 68 -24.21 -2.66 -10.23
CA GLU B 68 -24.32 -1.23 -10.01
C GLU B 68 -23.28 -0.79 -8.99
N ALA B 69 -23.14 -1.58 -7.93
CA ALA B 69 -22.20 -1.29 -6.83
C ALA B 69 -20.74 -1.27 -7.29
N PHE B 70 -20.31 -2.34 -7.95
CA PHE B 70 -18.97 -2.40 -8.50
C PHE B 70 -18.63 -1.23 -9.43
N GLU B 71 -19.61 -0.77 -10.19
CA GLU B 71 -19.39 0.30 -11.14
C GLU B 71 -19.15 1.59 -10.39
N TYR B 72 -20.00 1.81 -9.38
CA TYR B 72 -19.96 2.99 -8.52
C TYR B 72 -18.71 3.05 -7.61
N TYR B 73 -18.42 1.92 -6.94
CA TYR B 73 -17.41 1.87 -5.89
C TYR B 73 -16.11 1.26 -6.39
N HIS B 74 -16.18 0.46 -7.46
CA HIS B 74 -14.98 -0.15 -8.03
C HIS B 74 -14.30 -1.08 -7.06
N THR B 75 -15.01 -2.03 -6.46
CA THR B 75 -14.40 -2.91 -5.49
C THR B 75 -15.11 -4.23 -5.54
N LEU B 76 -14.39 -5.31 -5.27
CA LEU B 76 -15.00 -6.62 -5.25
C LEU B 76 -15.22 -7.12 -3.83
N ASP B 77 -14.71 -6.35 -2.87
CA ASP B 77 -14.72 -6.71 -1.48
C ASP B 77 -16.14 -6.80 -0.95
N GLU B 78 -16.56 -8.00 -0.58
CA GLU B 78 -17.89 -8.24 -0.02
C GLU B 78 -18.11 -7.51 1.30
N SER B 79 -17.04 -7.26 2.07
CA SER B 79 -17.19 -6.50 3.31
C SER B 79 -17.27 -4.98 3.10
N PHE B 80 -16.89 -4.51 1.90
CA PHE B 80 -16.77 -3.07 1.70
C PHE B 80 -18.00 -2.30 2.15
N LEU B 81 -19.13 -2.65 1.55
CA LEU B 81 -20.38 -1.96 1.81
C LEU B 81 -20.69 -1.83 3.31
N GLY B 82 -20.68 -2.94 4.03
CA GLY B 82 -20.87 -2.89 5.49
C GLY B 82 -19.87 -2.05 6.26
N ARG B 83 -18.63 -1.98 5.78
CA ARG B 83 -17.61 -1.16 6.45
C ARG B 83 -17.82 0.33 6.20
N TYR B 84 -18.40 0.66 5.06
CA TYR B 84 -18.70 2.06 4.72
C TYR B 84 -19.91 2.61 5.48
N MET B 85 -21.05 1.92 5.35
CA MET B 85 -22.23 2.19 6.20
C MET B 85 -21.83 2.32 7.69
N SER B 86 -21.03 1.37 8.14
CA SER B 86 -20.55 1.33 9.51
C SER B 86 -19.81 2.64 9.88
N ALA B 87 -18.85 3.00 9.03
CA ALA B 87 -18.17 4.26 9.16
C ALA B 87 -19.11 5.43 8.97
N LEU B 88 -19.92 5.42 7.93
CA LEU B 88 -20.78 6.57 7.67
C LEU B 88 -21.68 6.92 8.86
N ASN B 89 -22.18 5.92 9.57
CA ASN B 89 -23.06 6.17 10.71
C ASN B 89 -22.41 7.09 11.75
N HIS B 90 -21.09 6.97 11.89
CA HIS B 90 -20.36 7.77 12.87
C HIS B 90 -19.93 9.09 12.31
N THR B 91 -19.51 9.12 11.05
CA THR B 91 -18.94 10.34 10.50
C THR B 91 -19.99 11.39 10.15
N LYS B 92 -21.24 10.97 9.98
CA LYS B 92 -22.27 11.94 9.64
C LYS B 92 -22.48 12.77 10.87
N LYS B 93 -21.81 12.40 11.95
CA LYS B 93 -21.96 13.13 13.20
C LYS B 93 -20.78 14.04 13.50
N TRP B 94 -19.72 14.01 12.68
CA TRP B 94 -18.60 14.94 12.89
C TRP B 94 -18.95 16.36 12.45
N LYS B 95 -18.11 17.33 12.76
CA LYS B 95 -18.33 18.67 12.25
C LYS B 95 -17.29 19.04 11.22
N PHE B 96 -17.72 19.59 10.09
CA PHE B 96 -16.77 20.07 9.09
C PHE B 96 -16.76 21.61 8.94
N PRO B 97 -16.07 22.28 9.86
CA PRO B 97 -15.99 23.73 9.82
C PRO B 97 -15.09 24.22 8.70
N GLN B 98 -15.45 25.34 8.07
CA GLN B 98 -14.60 25.95 7.08
C GLN B 98 -13.49 26.65 7.81
N VAL B 99 -12.26 26.27 7.53
CA VAL B 99 -11.14 26.89 8.20
C VAL B 99 -10.21 27.34 7.09
N GLY B 100 -9.75 28.58 7.20
CA GLY B 100 -8.95 29.20 6.13
C GLY B 100 -9.44 28.90 4.73
N GLY B 101 -10.75 28.82 4.54
CA GLY B 101 -11.28 28.65 3.20
C GLY B 101 -11.27 27.22 2.70
N LEU B 102 -10.94 26.30 3.61
CA LEU B 102 -10.95 24.88 3.33
C LEU B 102 -11.91 24.16 4.25
N THR B 103 -12.36 22.99 3.82
CA THR B 103 -13.20 22.17 4.67
C THR B 103 -12.38 21.34 5.64
N SER B 104 -12.55 21.60 6.92
CA SER B 104 -11.81 20.89 7.96
C SER B 104 -12.72 19.96 8.77
N ILE B 105 -12.13 19.27 9.75
CA ILE B 105 -12.92 18.42 10.62
C ILE B 105 -12.58 18.76 12.04
N LYS B 106 -13.61 18.92 12.86
CA LYS B 106 -13.36 19.20 14.26
C LYS B 106 -12.85 17.90 14.85
N TRP B 107 -11.79 17.98 15.65
CA TRP B 107 -11.18 16.76 16.18
C TRP B 107 -12.20 15.82 16.84
N ALA B 108 -12.16 14.55 16.46
CA ALA B 108 -12.91 13.52 17.18
C ALA B 108 -12.40 12.13 16.79
N ASP B 109 -12.59 11.16 17.66
CA ASP B 109 -12.37 9.77 17.28
C ASP B 109 -11.05 9.60 16.52
N ASN B 110 -10.02 10.31 16.93
CA ASN B 110 -8.71 10.20 16.29
C ASN B 110 -8.67 10.54 14.80
N ASN B 111 -9.54 11.42 14.35
CA ASN B 111 -9.66 11.75 12.93
C ASN B 111 -8.69 12.86 12.43
N CYS B 112 -7.64 13.14 13.20
CA CYS B 112 -6.73 14.19 12.79
C CYS B 112 -6.01 13.87 11.47
N TYR B 113 -5.75 12.59 11.26
CA TYR B 113 -5.02 12.17 10.08
C TYR B 113 -5.90 12.20 8.85
N LEU B 114 -7.20 12.01 9.05
CA LEU B 114 -8.18 12.10 7.98
C LEU B 114 -8.39 13.54 7.57
N SER B 115 -8.21 14.39 8.57
CA SER B 115 -8.40 15.80 8.41
C SER B 115 -7.30 16.33 7.45
N SER B 116 -6.05 15.93 7.67
CA SER B 116 -4.97 16.32 6.80
C SER B 116 -5.17 15.72 5.41
N VAL B 117 -5.81 14.57 5.36
CA VAL B 117 -5.97 13.94 4.09
C VAL B 117 -7.02 14.71 3.37
N LEU B 118 -8.01 15.18 4.10
CA LEU B 118 -9.08 15.87 3.42
C LEU B 118 -8.61 17.25 2.96
N LEU B 119 -7.79 17.91 3.77
CA LEU B 119 -7.37 19.27 3.47
C LEU B 119 -6.42 19.25 2.29
N ALA B 120 -5.54 18.27 2.31
CA ALA B 120 -4.55 18.13 1.28
C ALA B 120 -5.21 17.89 -0.09
N LEU B 121 -6.17 16.98 -0.11
CA LEU B 121 -6.86 16.62 -1.35
C LEU B 121 -7.59 17.78 -1.97
N GLN B 122 -7.98 18.76 -1.17
CA GLN B 122 -8.70 19.92 -1.64
C GLN B 122 -7.82 20.89 -2.38
N GLN B 123 -6.51 20.66 -2.31
CA GLN B 123 -5.54 21.55 -2.92
C GLN B 123 -4.83 20.84 -4.03
N LEU B 124 -5.18 19.59 -4.25
CA LEU B 124 -4.58 18.82 -5.31
C LEU B 124 -5.57 18.72 -6.48
N GLU B 125 -5.05 18.88 -7.70
CA GLU B 125 -5.85 18.68 -8.88
C GLU B 125 -5.86 17.20 -9.11
N VAL B 126 -6.87 16.53 -8.56
CA VAL B 126 -7.04 15.11 -8.77
C VAL B 126 -8.50 14.80 -9.13
N LYS B 127 -8.68 13.95 -10.12
CA LYS B 127 -9.96 13.34 -10.32
C LYS B 127 -9.85 11.86 -9.93
N PHE B 128 -10.94 11.32 -9.38
CA PHE B 128 -10.99 9.91 -9.03
C PHE B 128 -11.66 9.11 -10.12
N ASN B 129 -11.28 7.86 -10.25
CA ASN B 129 -11.92 7.02 -11.26
C ASN B 129 -13.26 6.48 -10.78
N ALA B 130 -13.40 6.30 -9.47
CA ALA B 130 -14.56 5.62 -8.92
C ALA B 130 -15.71 6.60 -8.63
N PRO B 131 -16.80 6.47 -9.37
CA PRO B 131 -17.88 7.45 -9.22
C PRO B 131 -18.19 7.81 -7.76
N ALA B 132 -18.20 6.83 -6.87
CA ALA B 132 -18.51 7.10 -5.45
C ALA B 132 -17.53 8.12 -4.91
N LEU B 133 -16.24 7.83 -5.12
CA LEU B 133 -15.17 8.74 -4.73
C LEU B 133 -15.26 10.14 -5.35
N GLN B 134 -15.42 10.23 -6.67
CA GLN B 134 -15.47 11.54 -7.30
C GLN B 134 -16.64 12.36 -6.79
N GLU B 135 -17.73 11.68 -6.49
CA GLU B 135 -18.94 12.35 -6.07
C GLU B 135 -18.83 12.82 -4.62
N ALA B 136 -18.29 11.95 -3.77
CA ALA B 136 -18.10 12.31 -2.38
C ALA B 136 -17.12 13.46 -2.29
N TYR B 137 -16.10 13.44 -3.14
CA TYR B 137 -15.05 14.45 -3.11
C TYR B 137 -15.59 15.81 -3.53
N TYR B 138 -16.36 15.84 -4.60
CA TYR B 138 -16.96 17.08 -5.05
C TYR B 138 -17.78 17.70 -3.91
N ARG B 139 -18.58 16.88 -3.23
CA ARG B 139 -19.36 17.35 -2.08
C ARG B 139 -18.51 17.80 -0.88
N ALA B 140 -17.42 17.10 -0.67
CA ALA B 140 -16.52 17.47 0.41
C ALA B 140 -15.97 18.83 0.09
N ARG B 141 -15.53 18.99 -1.16
CA ARG B 141 -14.93 20.25 -1.62
C ARG B 141 -15.86 21.40 -1.33
N ALA B 142 -17.17 21.10 -1.26
CA ALA B 142 -18.21 22.09 -1.03
C ALA B 142 -18.64 22.19 0.44
N GLY B 143 -17.93 21.55 1.36
CA GLY B 143 -18.34 21.63 2.76
C GLY B 143 -18.98 20.38 3.34
N ASP B 144 -19.44 19.47 2.49
CA ASP B 144 -20.21 18.30 2.96
C ASP B 144 -19.38 17.01 2.84
N ALA B 145 -18.65 16.68 3.88
CA ALA B 145 -17.61 15.66 3.71
C ALA B 145 -17.76 14.34 4.46
N ALA B 146 -18.85 14.17 5.21
CA ALA B 146 -19.10 12.93 5.94
C ALA B 146 -18.94 11.68 5.04
N ASN B 147 -19.61 11.67 3.91
CA ASN B 147 -19.46 10.57 2.97
C ASN B 147 -18.06 10.31 2.55
N PHE B 148 -17.42 11.38 2.11
CA PHE B 148 -16.07 11.28 1.59
C PHE B 148 -15.15 10.65 2.63
N CYS B 149 -15.17 11.17 3.85
CA CYS B 149 -14.39 10.56 4.90
C CYS B 149 -14.73 9.09 5.04
N ALA B 150 -16.02 8.78 5.13
CA ALA B 150 -16.41 7.45 5.47
C ALA B 150 -15.97 6.52 4.35
N LEU B 151 -15.88 7.07 3.15
CA LEU B 151 -15.45 6.27 2.02
C LEU B 151 -13.94 6.06 2.15
N ILE B 152 -13.25 7.12 2.57
CA ILE B 152 -11.81 7.03 2.76
C ILE B 152 -11.42 5.93 3.74
N LEU B 153 -12.16 5.87 4.84
CA LEU B 153 -12.04 4.82 5.82
C LEU B 153 -12.29 3.42 5.24
N ALA B 154 -13.36 3.30 4.45
CA ALA B 154 -13.66 2.06 3.71
C ALA B 154 -12.55 1.65 2.76
N TYR B 155 -12.18 2.51 1.81
CA TYR B 155 -11.09 2.17 0.86
C TYR B 155 -9.71 1.90 1.50
N SER B 156 -9.49 2.35 2.72
CA SER B 156 -8.18 2.09 3.32
C SER B 156 -8.26 1.11 4.47
N ASN B 157 -9.41 0.46 4.61
CA ASN B 157 -9.63 -0.51 5.68
C ASN B 157 -9.34 -0.03 7.08
N LYS B 158 -9.87 1.14 7.42
CA LYS B 158 -9.74 1.67 8.75
C LYS B 158 -11.11 1.88 9.36
N THR B 159 -11.13 2.01 10.67
CA THR B 159 -12.37 2.10 11.38
C THR B 159 -12.38 3.39 12.16
N VAL B 160 -13.52 4.05 12.24
CA VAL B 160 -13.61 5.24 13.03
C VAL B 160 -13.05 4.94 14.42
N GLY B 161 -12.38 5.92 14.99
CA GLY B 161 -11.86 5.80 16.34
C GLY B 161 -10.40 5.42 16.34
N GLU B 162 -9.97 4.71 15.30
CA GLU B 162 -8.56 4.35 15.15
C GLU B 162 -7.71 5.51 14.68
N LEU B 163 -6.56 5.71 15.30
CA LEU B 163 -5.57 6.64 14.74
C LEU B 163 -5.02 6.06 13.44
N GLY B 164 -4.70 6.94 12.49
CA GLY B 164 -4.21 6.50 11.19
C GLY B 164 -3.02 7.26 10.65
N ASP B 165 -2.52 6.80 9.52
CA ASP B 165 -1.31 7.33 8.92
C ASP B 165 -1.65 8.02 7.62
N VAL B 166 -1.29 9.29 7.51
CA VAL B 166 -1.67 10.07 6.33
C VAL B 166 -1.14 9.47 5.02
N ARG B 167 0.13 9.07 5.02
CA ARG B 167 0.74 8.53 3.81
C ARG B 167 0.21 7.16 3.38
N GLU B 168 0.07 6.22 4.30
CA GLU B 168 -0.54 4.95 3.94
C GLU B 168 -1.91 5.19 3.31
N THR B 169 -2.69 6.02 3.96
CA THR B 169 -3.99 6.39 3.44
C THR B 169 -3.86 6.95 2.02
N MET B 170 -3.01 7.93 1.79
CA MET B 170 -2.91 8.45 0.41
C MET B 170 -2.59 7.33 -0.59
N THR B 171 -1.79 6.38 -0.15
CA THR B 171 -1.42 5.27 -1.03
C THR B 171 -2.67 4.51 -1.44
N HIS B 172 -3.62 4.39 -0.52
CA HIS B 172 -4.86 3.72 -0.82
C HIS B 172 -5.77 4.58 -1.70
N LEU B 173 -5.77 5.90 -1.46
CA LEU B 173 -6.58 6.76 -2.30
C LEU B 173 -6.09 6.86 -3.74
N LEU B 174 -4.79 6.95 -3.93
CA LEU B 174 -4.33 7.26 -5.26
C LEU B 174 -4.30 6.03 -6.16
N GLN B 175 -4.58 4.85 -5.59
CA GLN B 175 -4.81 3.69 -6.42
C GLN B 175 -6.14 3.90 -7.12
N HIS B 176 -6.93 4.85 -6.62
CA HIS B 176 -8.26 5.11 -7.16
C HIS B 176 -8.39 6.43 -7.86
N ALA B 177 -7.25 7.09 -8.03
CA ALA B 177 -7.24 8.34 -8.78
C ALA B 177 -6.83 8.04 -10.22
N ASN B 178 -7.11 9.00 -11.09
CA ASN B 178 -6.70 8.87 -12.46
C ASN B 178 -5.26 9.33 -12.59
N LEU B 179 -4.36 8.39 -12.60
CA LEU B 179 -2.96 8.71 -12.75
C LEU B 179 -2.44 8.20 -14.10
N GLU B 180 -3.36 8.05 -15.05
CA GLU B 180 -3.05 7.47 -16.35
C GLU B 180 -1.91 8.19 -17.07
N SER B 181 -1.85 9.51 -16.93
CA SER B 181 -0.73 10.24 -17.52
C SER B 181 0.44 10.52 -16.56
N ALA B 182 0.37 10.07 -15.31
CA ALA B 182 1.47 10.32 -14.37
C ALA B 182 2.73 9.51 -14.67
N LYS B 183 3.88 10.15 -14.67
CA LYS B 183 5.09 9.44 -15.01
C LYS B 183 6.27 10.09 -14.34
N ARG B 184 7.21 9.28 -13.89
CA ARG B 184 8.36 9.81 -13.21
C ARG B 184 9.54 9.05 -13.72
N VAL B 185 10.63 9.75 -14.02
CA VAL B 185 11.85 9.07 -14.39
C VAL B 185 12.98 9.42 -13.43
N LEU B 186 13.38 8.42 -12.66
CA LEU B 186 14.40 8.60 -11.67
C LEU B 186 15.66 8.03 -12.24
N ASN B 187 16.77 8.68 -11.96
CA ASN B 187 18.06 8.15 -12.38
C ASN B 187 18.96 7.86 -11.19
N VAL B 188 19.84 6.90 -11.36
CA VAL B 188 20.61 6.43 -10.24
C VAL B 188 22.02 6.06 -10.71
N VAL B 189 23.01 6.46 -9.92
CA VAL B 189 24.42 6.20 -10.20
C VAL B 189 25.12 5.49 -9.04
N CYS B 190 25.99 4.54 -9.37
CA CYS B 190 26.86 3.88 -8.40
C CYS B 190 28.32 4.08 -8.77
N LYS B 191 29.21 3.81 -7.82
CA LYS B 191 30.65 3.80 -8.09
C LYS B 191 30.97 2.85 -9.25
N HIS B 192 30.84 1.56 -8.99
CA HIS B 192 31.18 0.52 -9.95
C HIS B 192 30.08 0.32 -10.98
N CYS B 193 29.03 -0.39 -10.57
CA CYS B 193 27.84 -0.69 -11.39
C CYS B 193 27.46 0.46 -12.32
N GLY B 194 27.43 1.67 -11.77
CA GLY B 194 27.20 2.84 -12.60
C GLY B 194 25.76 3.29 -12.68
N GLN B 195 25.25 3.38 -13.90
CA GLN B 195 24.02 4.12 -14.16
C GLN B 195 22.76 3.27 -14.25
N LYS B 196 21.61 3.91 -14.08
CA LYS B 196 20.32 3.26 -14.30
C LYS B 196 19.15 4.22 -14.23
N THR B 197 18.28 4.12 -15.25
CA THR B 197 16.99 4.81 -15.29
C THR B 197 15.90 3.87 -14.82
N THR B 198 14.98 4.38 -14.02
CA THR B 198 13.79 3.62 -13.68
C THR B 198 12.58 4.49 -13.93
N THR B 199 11.63 3.98 -14.70
CA THR B 199 10.44 4.76 -14.99
C THR B 199 9.36 4.31 -14.01
N LEU B 200 8.71 5.28 -13.37
CA LEU B 200 7.65 5.01 -12.39
C LEU B 200 6.28 5.48 -12.91
N THR B 201 5.24 4.71 -12.59
CA THR B 201 3.88 5.04 -13.04
C THR B 201 2.92 4.73 -11.91
N GLY B 202 1.66 5.09 -12.06
CA GLY B 202 0.74 4.90 -10.95
C GLY B 202 1.17 5.69 -9.70
N VAL B 203 0.77 5.19 -8.56
CA VAL B 203 0.97 5.84 -7.29
C VAL B 203 2.45 6.26 -7.06
N GLU B 204 3.39 5.41 -7.47
CA GLU B 204 4.79 5.73 -7.21
C GLU B 204 5.25 6.90 -8.05
N ALA B 205 4.52 7.24 -9.09
CA ALA B 205 4.94 8.38 -9.90
C ALA B 205 4.84 9.67 -9.12
N VAL B 206 3.90 9.73 -8.17
CA VAL B 206 3.71 10.95 -7.41
C VAL B 206 4.13 10.89 -5.93
N MET B 207 4.47 9.69 -5.45
CA MET B 207 4.77 9.49 -4.04
C MET B 207 6.19 9.00 -3.82
N TYR B 208 6.96 9.76 -3.05
CA TYR B 208 8.34 9.40 -2.80
C TYR B 208 8.61 9.35 -1.31
N MET B 209 9.15 8.24 -0.84
CA MET B 209 9.46 8.10 0.57
C MET B 209 10.97 8.22 0.73
N GLY B 210 11.41 9.15 1.58
CA GLY B 210 12.82 9.25 1.92
C GLY B 210 13.33 10.66 2.11
N THR B 211 12.72 11.63 1.44
CA THR B 211 13.04 13.02 1.73
C THR B 211 11.80 13.85 1.63
N LEU B 212 11.80 14.95 2.36
CA LEU B 212 10.72 15.91 2.32
C LEU B 212 10.93 16.90 1.21
N SER B 213 12.17 17.05 0.75
CA SER B 213 12.53 18.12 -0.17
C SER B 213 12.53 17.73 -1.68
N TYR B 214 11.56 18.25 -2.42
CA TYR B 214 11.53 18.13 -3.88
C TYR B 214 12.81 18.67 -4.46
N ASP B 215 13.41 19.63 -3.79
CA ASP B 215 14.68 20.14 -4.27
C ASP B 215 15.71 19.01 -4.30
N ASN B 216 15.78 18.25 -3.22
CA ASN B 216 16.75 17.17 -3.15
C ASN B 216 16.56 16.14 -4.26
N LEU B 217 15.34 15.68 -4.45
CA LEU B 217 15.08 14.73 -5.50
C LEU B 217 15.71 15.22 -6.79
N LYS B 218 15.60 16.52 -7.04
CA LYS B 218 16.06 17.11 -8.28
C LYS B 218 17.58 17.22 -8.35
N THR B 219 18.22 17.49 -7.23
CA THR B 219 19.66 17.61 -7.25
C THR B 219 20.40 16.31 -6.91
N GLY B 220 19.71 15.35 -6.31
CA GLY B 220 20.33 14.07 -5.99
C GLY B 220 20.10 13.69 -4.55
N VAL B 221 19.67 12.46 -4.31
CA VAL B 221 19.53 12.01 -2.93
C VAL B 221 20.48 10.87 -2.66
N SER B 222 21.03 10.85 -1.45
CA SER B 222 21.87 9.73 -1.05
C SER B 222 20.99 8.54 -0.66
N ILE B 223 21.09 7.48 -1.44
CA ILE B 223 20.41 6.25 -1.08
C ILE B 223 21.42 5.12 -1.08
N PRO B 224 21.42 4.31 -0.01
CA PRO B 224 22.31 3.15 0.14
C PRO B 224 22.09 2.09 -0.94
N CYS B 225 22.96 2.07 -1.96
CA CYS B 225 22.83 1.15 -3.10
C CYS B 225 23.17 -0.32 -2.82
N VAL B 226 23.01 -1.16 -3.84
CA VAL B 226 23.33 -2.59 -3.78
C VAL B 226 24.49 -2.93 -2.83
N CYS B 227 25.70 -2.60 -3.28
CA CYS B 227 26.92 -3.06 -2.63
C CYS B 227 27.09 -2.52 -1.21
N GLY B 228 26.22 -1.60 -0.82
CA GLY B 228 26.36 -0.90 0.47
C GLY B 228 27.10 0.40 0.23
N ARG B 229 27.92 0.43 -0.82
CA ARG B 229 28.51 1.66 -1.33
C ARG B 229 27.38 2.57 -1.83
N ASP B 230 27.57 3.89 -1.73
CA ASP B 230 26.43 4.82 -1.84
C ASP B 230 26.06 5.41 -3.19
N ALA B 231 24.75 5.60 -3.30
CA ALA B 231 24.08 5.84 -4.57
C ALA B 231 23.39 7.19 -4.61
N THR B 232 23.38 7.77 -5.80
CA THR B 232 22.75 9.05 -6.02
C THR B 232 21.55 8.87 -6.92
N GLN B 233 20.41 9.39 -6.48
CA GLN B 233 19.17 9.27 -7.21
C GLN B 233 18.56 10.65 -7.45
N TYR B 234 18.18 10.93 -8.68
CA TYR B 234 17.64 12.25 -8.96
C TYR B 234 16.59 12.23 -10.06
N LEU B 235 15.66 13.19 -10.00
CA LEU B 235 14.57 13.26 -10.94
C LEU B 235 15.08 13.76 -12.27
N VAL B 236 14.88 12.95 -13.31
CA VAL B 236 15.22 13.40 -14.64
C VAL B 236 14.00 13.96 -15.34
N GLN B 237 12.82 13.51 -14.96
CA GLN B 237 11.60 13.95 -15.64
C GLN B 237 10.37 13.66 -14.79
N GLN B 238 9.49 14.63 -14.70
CA GLN B 238 8.26 14.44 -13.93
C GLN B 238 7.06 14.91 -14.73
N GLU B 239 5.96 14.16 -14.67
CA GLU B 239 4.72 14.50 -15.41
C GLU B 239 3.53 14.17 -14.53
N SER B 240 2.97 15.18 -13.88
CA SER B 240 1.89 14.94 -12.97
C SER B 240 1.43 16.31 -12.51
N SER B 241 0.32 16.35 -11.80
CA SER B 241 -0.26 17.62 -11.42
C SER B 241 0.18 17.97 -10.01
N PHE B 242 0.82 17.01 -9.35
CA PHE B 242 1.45 17.28 -8.06
C PHE B 242 2.41 16.16 -7.71
N VAL B 243 3.10 16.32 -6.59
CA VAL B 243 3.91 15.25 -6.04
C VAL B 243 3.86 15.37 -4.54
N MET B 244 4.06 14.25 -3.88
CA MET B 244 4.03 14.26 -2.44
C MET B 244 5.25 13.54 -1.93
N MET B 245 6.03 14.20 -1.09
CA MET B 245 7.28 13.64 -0.59
C MET B 245 7.05 13.30 0.85
N SER B 246 7.48 12.12 1.28
CA SER B 246 7.28 11.73 2.66
C SER B 246 8.55 11.27 3.42
N ALA B 247 8.56 11.48 4.73
CA ALA B 247 9.67 11.04 5.54
C ALA B 247 9.23 10.96 6.97
N PRO B 248 9.89 10.11 7.76
CA PRO B 248 9.60 10.03 9.19
C PRO B 248 9.73 11.41 9.82
N PRO B 249 8.81 11.80 10.72
CA PRO B 249 8.86 13.22 11.17
C PRO B 249 10.23 13.68 11.66
N ALA B 250 10.72 14.79 11.13
CA ALA B 250 11.95 15.41 11.58
C ALA B 250 11.74 16.92 11.53
N GLU B 251 12.46 17.64 12.38
CA GLU B 251 12.40 19.10 12.42
C GLU B 251 12.74 19.67 11.04
N TYR B 252 11.79 20.38 10.44
CA TYR B 252 11.97 20.87 9.09
C TYR B 252 11.38 22.25 8.99
N LYS B 253 11.90 23.07 8.09
CA LYS B 253 11.33 24.42 7.94
C LYS B 253 10.56 24.56 6.64
N LEU B 254 9.26 24.82 6.74
CA LEU B 254 8.46 25.12 5.58
C LEU B 254 8.49 26.60 5.33
N GLN B 255 8.75 26.99 4.09
CA GLN B 255 8.80 28.41 3.68
C GLN B 255 7.74 28.78 2.64
N GLN B 256 7.20 29.99 2.78
CA GLN B 256 6.18 30.40 1.86
C GLN B 256 6.60 30.48 0.39
N GLY B 257 5.68 30.10 -0.49
CA GLY B 257 5.96 30.07 -1.92
C GLY B 257 6.98 29.03 -2.30
N THR B 258 7.09 27.94 -1.53
CA THR B 258 8.05 26.89 -1.82
C THR B 258 7.42 25.56 -1.67
N PHE B 259 6.14 25.54 -1.34
CA PHE B 259 5.46 24.26 -1.31
C PHE B 259 3.98 24.51 -1.48
N LEU B 260 3.21 23.47 -1.72
CA LEU B 260 1.78 23.61 -1.83
C LEU B 260 1.11 23.46 -0.47
N CYS B 261 1.38 22.35 0.20
CA CYS B 261 0.77 22.15 1.48
C CYS B 261 1.45 20.94 2.12
N ALA B 262 1.18 20.74 3.40
CA ALA B 262 2.00 19.80 4.13
C ALA B 262 1.31 19.40 5.43
N ASN B 263 1.78 18.30 6.01
CA ASN B 263 1.37 18.00 7.35
C ASN B 263 2.54 17.58 8.21
N GLU B 264 2.40 17.77 9.52
CA GLU B 264 3.43 17.47 10.50
C GLU B 264 2.82 16.60 11.55
N TYR B 265 3.63 15.81 12.22
CA TYR B 265 3.07 14.87 13.15
C TYR B 265 3.82 14.98 14.44
N THR B 266 3.10 15.25 15.52
CA THR B 266 3.74 15.44 16.79
C THR B 266 3.38 14.29 17.71
N GLY B 267 4.42 13.62 18.21
CA GLY B 267 4.19 12.55 19.17
C GLY B 267 5.07 11.38 18.85
N ASN B 268 4.69 10.20 19.32
CA ASN B 268 5.44 9.01 18.93
C ASN B 268 4.68 8.24 17.87
N TYR B 269 5.27 7.17 17.39
CA TYR B 269 4.64 6.40 16.35
C TYR B 269 3.25 5.94 16.78
N GLN B 270 3.15 5.51 18.03
CA GLN B 270 1.94 4.82 18.49
C GLN B 270 0.91 5.85 18.92
N CYS B 271 1.35 7.09 19.08
CA CYS B 271 0.47 8.09 19.65
C CYS B 271 0.93 9.52 19.36
N GLY B 272 0.01 10.31 18.81
CA GLY B 272 0.42 11.63 18.41
C GLY B 272 -0.66 12.36 17.65
N HIS B 273 -0.32 13.55 17.19
CA HIS B 273 -1.29 14.44 16.59
C HIS B 273 -0.73 14.96 15.28
N TYR B 274 -1.61 15.09 14.28
CA TYR B 274 -1.25 15.62 12.97
C TYR B 274 -1.84 17.01 12.89
N THR B 275 -1.11 17.96 12.31
CA THR B 275 -1.75 19.17 11.80
C THR B 275 -1.36 19.42 10.37
N HIS B 276 -2.15 20.24 9.70
CA HIS B 276 -1.94 20.51 8.30
C HIS B 276 -1.41 21.93 8.07
N ILE B 277 -0.51 22.08 7.11
CA ILE B 277 0.02 23.39 6.83
C ILE B 277 -0.24 23.71 5.37
N THR B 278 -0.92 24.84 5.15
CA THR B 278 -1.27 25.30 3.83
C THR B 278 -0.77 26.73 3.68
N ALA B 279 -0.43 27.13 2.46
CA ALA B 279 0.08 28.49 2.23
C ALA B 279 -0.95 29.37 1.53
N LYS B 280 -1.23 30.56 2.09
CA LYS B 280 -1.99 31.58 1.39
C LYS B 280 -1.13 32.85 1.29
N GLU B 281 -1.63 33.98 1.78
CA GLU B 281 -0.77 35.16 1.84
C GLU B 281 0.32 34.89 2.86
N THR B 282 -0.01 34.02 3.82
CA THR B 282 0.99 33.56 4.78
C THR B 282 0.73 32.09 5.03
N LEU B 283 1.50 31.46 5.89
CA LEU B 283 1.25 30.07 6.22
C LEU B 283 0.13 29.92 7.24
N TYR B 284 -0.67 28.89 7.04
CA TYR B 284 -1.82 28.61 7.85
C TYR B 284 -1.67 27.20 8.34
N ARG B 285 -1.62 27.06 9.66
CA ARG B 285 -1.57 25.72 10.23
C ARG B 285 -2.95 25.31 10.74
N ILE B 286 -3.58 24.41 10.01
CA ILE B 286 -4.96 24.05 10.31
C ILE B 286 -4.99 22.82 11.20
N ASP B 287 -5.46 23.03 12.41
CA ASP B 287 -5.44 22.00 13.42
C ASP B 287 -6.90 21.71 13.76
N GLY B 288 -7.57 20.97 12.87
CA GLY B 288 -9.00 20.69 13.02
C GLY B 288 -9.77 21.98 12.92
N ALA B 289 -10.41 22.37 14.02
CA ALA B 289 -11.17 23.59 14.04
C ALA B 289 -10.22 24.77 14.17
N HIS B 290 -9.06 24.53 14.79
CA HIS B 290 -8.12 25.61 15.17
C HIS B 290 -7.18 26.12 14.06
N LEU B 291 -6.88 27.41 14.08
CA LEU B 291 -6.11 28.00 13.01
C LEU B 291 -4.99 28.88 13.53
N THR B 292 -3.78 28.64 13.06
CA THR B 292 -2.68 29.53 13.36
C THR B 292 -2.01 30.01 12.09
N LYS B 293 -1.46 31.23 12.13
CA LYS B 293 -0.78 31.83 10.98
C LYS B 293 0.65 32.18 11.30
N MET B 294 1.55 31.93 10.37
CA MET B 294 2.95 32.27 10.54
C MET B 294 3.63 32.42 9.16
N SER B 295 4.78 33.10 9.16
CA SER B 295 5.56 33.36 7.94
C SER B 295 6.34 32.15 7.52
N GLU B 296 6.86 31.43 8.50
CA GLU B 296 7.52 30.17 8.24
C GLU B 296 7.17 29.25 9.39
N TYR B 297 7.38 27.96 9.22
CA TYR B 297 7.07 27.06 10.28
C TYR B 297 8.16 26.00 10.35
N LYS B 298 8.58 25.68 11.57
CA LYS B 298 9.58 24.66 11.80
C LYS B 298 8.93 23.56 12.64
N GLY B 299 9.00 22.32 12.19
CA GLY B 299 8.32 21.30 12.94
C GLY B 299 8.62 19.91 12.43
N PRO B 300 8.06 18.90 13.10
CA PRO B 300 8.25 17.51 12.70
C PRO B 300 7.30 17.18 11.54
N VAL B 301 7.74 17.56 10.35
CA VAL B 301 6.95 17.52 9.13
C VAL B 301 7.11 16.14 8.59
N THR B 302 6.03 15.52 8.08
CA THR B 302 6.14 14.16 7.52
C THR B 302 5.86 14.11 6.05
N ASP B 303 4.96 14.97 5.58
CA ASP B 303 4.52 14.99 4.19
C ASP B 303 4.48 16.42 3.65
N VAL B 304 5.13 16.64 2.51
CA VAL B 304 4.98 17.90 1.76
C VAL B 304 4.49 17.65 0.31
N PHE B 305 3.48 18.41 -0.09
CA PHE B 305 2.93 18.36 -1.43
C PHE B 305 3.44 19.56 -2.22
N TYR B 306 3.73 19.35 -3.49
CA TYR B 306 4.20 20.42 -4.33
C TYR B 306 3.39 20.37 -5.60
N LYS B 307 3.26 21.52 -6.26
CA LYS B 307 2.59 21.63 -7.54
C LYS B 307 3.55 21.30 -8.66
N GLU B 308 3.01 20.64 -9.67
CA GLU B 308 3.77 20.21 -10.81
C GLU B 308 2.87 20.24 -12.07
N THR B 309 3.48 20.36 -13.24
CA THR B 309 2.81 20.00 -14.48
C THR B 309 3.76 19.11 -15.26
N SER B 310 4.90 19.66 -15.61
CA SER B 310 5.86 18.97 -16.42
C SER B 310 7.24 19.44 -16.04
N TYR B 311 8.13 18.54 -15.67
CA TYR B 311 9.45 18.98 -15.30
C TYR B 311 10.45 18.15 -16.00
N THR B 312 11.46 18.81 -16.55
CA THR B 312 12.58 18.13 -17.18
C THR B 312 13.88 18.54 -16.51
N THR B 313 14.63 17.56 -16.04
CA THR B 313 15.83 17.91 -15.32
C THR B 313 16.66 18.76 -16.24
N THR B 314 17.76 19.25 -15.72
CA THR B 314 18.66 20.10 -16.47
C THR B 314 20.04 19.46 -16.47
N ILE B 315 20.09 18.23 -15.97
CA ILE B 315 21.34 17.50 -15.80
C ILE B 315 21.56 16.52 -16.97
N LYS B 316 22.81 16.28 -17.33
CA LYS B 316 23.14 14.94 -17.78
C LYS B 316 24.24 14.44 -16.89
C1 GRM C . 9.40 -1.75 10.52
C2 GRM C . 8.76 -3.20 10.57
C3 GRM C . 8.78 -0.66 11.49
N4 GRM C . 9.68 -1.15 9.06
C5 GRM C . 9.32 0.31 8.83
C6 GRM C . 9.43 0.84 7.36
C7 GRM C . 10.44 0.02 6.53
C8 GRM C . 10.06 -1.49 6.54
C9 GRM C . 9.30 -1.97 7.84
C10 GRM C . 10.46 0.58 5.11
O11 GRM C . 9.79 0.05 4.24
N12 GRM C . 11.23 1.68 4.85
C13 GRM C . 11.27 2.25 3.49
C14 GRM C . 12.11 3.53 3.50
C15 GRM C . 11.87 4.52 4.50
C16 GRM C . 12.65 5.68 4.48
C17 GRM C . 13.66 5.88 3.51
C18 GRM C . 13.94 4.91 2.49
C19 GRM C . 13.14 3.72 2.51
O20 GRM C . 12.55 6.72 5.36
C21 GRM C . 13.78 7.45 5.02
O22 GRM C . 14.31 7.10 3.70
C23 GRM C . 9.55 0.31 12.27
C24 GRM C . 8.83 1.25 13.12
C25 GRM C . 7.42 1.24 13.18
C26 GRM C . 6.67 0.31 12.40
C27 GRM C . 7.32 -0.62 11.58
C28 GRM C . 10.97 0.38 12.28
C29 GRM C . 11.65 1.33 13.08
C30 GRM C . 10.92 2.25 13.89
C31 GRM C . 9.51 2.21 13.92
ZN ZN D . -12.54 7.46 28.54
C1 GRM E . 4.00 9.24 11.42
C2 GRM E . 3.77 10.25 10.24
C3 GRM E . 5.39 8.47 11.37
N4 GRM E . 2.82 8.24 11.84
C5 GRM E . 2.70 6.86 11.22
C6 GRM E . 2.05 5.81 12.19
C7 GRM E . 0.94 6.43 13.11
C8 GRM E . 0.33 7.67 12.40
C9 GRM E . 1.38 8.78 11.97
C10 GRM E . -0.10 5.33 13.42
O11 GRM E . -0.84 4.95 12.52
N12 GRM E . -0.20 4.75 14.63
C13 GRM E . -1.19 3.67 14.84
C14 GRM E . -0.76 2.81 16.03
C15 GRM E . 0.57 2.27 16.09
C16 GRM E . 0.92 1.51 17.20
C17 GRM E . 0.04 1.24 18.26
C18 GRM E . -1.30 1.77 18.22
C19 GRM E . -1.68 2.56 17.09
O20 GRM E . 2.16 0.93 17.40
C21 GRM E . 1.98 0.33 18.74
O22 GRM E . 0.62 0.45 19.26
C23 GRM E . 6.31 8.26 12.48
C24 GRM E . 7.56 7.51 12.27
C25 GRM E . 7.84 6.97 11.01
C26 GRM E . 6.95 7.17 9.94
C27 GRM E . 5.75 7.90 10.10
C28 GRM E . 6.09 8.75 13.80
C29 GRM E . 7.03 8.54 14.84
C30 GRM E . 8.22 7.80 14.59
C31 GRM E . 8.48 7.28 13.31
ZN ZN F . 26.42 -0.68 -6.57
#